data_8RTN
#
_entry.id   8RTN
#
_cell.length_a   82.188
_cell.length_b   82.188
_cell.length_c   271.964
_cell.angle_alpha   90.000
_cell.angle_beta   90.000
_cell.angle_gamma   120.000
#
_symmetry.space_group_name_H-M   'H 3 2'
#
loop_
_entity.id
_entity.type
_entity.pdbx_description
1 polymer Prothrombin
2 polymer 'Synthetic trivalent inhibitor'
3 non-polymer 2-acetamido-2-deoxy-beta-D-glucopyranose
4 non-polymer 'SODIUM ION'
5 water water
#
loop_
_entity_poly.entity_id
_entity_poly.type
_entity_poly.pdbx_seq_one_letter_code
_entity_poly.pdbx_strand_id
1 'polypeptide(L)'
;MAHVRGLQLPGCLALAALCSLVHSQHVFLAPQQARSLLQRVRRANTFLEEVRKGNLERECVEETCSYEEAFEALESSTAT
DVFWAKYTACETARTPRDKLAACLEGNCAEGLGTNYRGHVNITRSGIECQLWRSRYPHKPEINSTTHPGADLQENFCRNP
DSSTTGPWCYTTDPTVRRQECSIPVCGQDQVTVAMTPRSEGSSVNLSPPLEQCVPDRGQQYQGRLAVTTHGLPCLAWASA
QAKALSKHQDFNSAVQLVENFCRNPDGDEEGVWCYVAGKPGDFGYCDLNYCEEAVEEETGDGLDEDSDRAIEGRTATSEY
QTFFNPRTFGSGEADCGLRPLFEKKSLEDKTERELLESYIDGRIVEGSDAEIGMSPWQVMLFRKSPQELLCGASLISDRW
VLTAAHCLLYPPWDKNFTENDLLVRIGKHSRTRYERNIEKISMLEKIYIHPRYNWRENLDRDIALMKLKKPVAFSDYIHP
VCLPDRETAASLLQAGYKGRVTGWGNLKETWTANVGKGQPSVLQVVNLPIVERPVCKDSTRIRITDNMFCAGYKPDEGKR
GDACEGDSGGPFVMKSPFNNRWYQMGIVSWGEGCDRDGKYGFYTHVFRLKKWIQKVIDQFGE
;
L,H
2 'polypeptide(L)' GEPGAPID(TYS)DE(TYS)GDSSEEVGGAEVAQPKLYQRGEGGNGMEPIPED(TYS)LQ I
#
# COMPACT_ATOMS: atom_id res chain seq x y z
N PHE A 329 15.65 -12.49 7.22
CA PHE A 329 14.44 -11.78 6.82
C PHE A 329 13.80 -12.42 5.60
N GLY A 330 12.92 -13.39 5.83
CA GLY A 330 12.21 -14.03 4.74
C GLY A 330 10.84 -13.43 4.51
N SER A 331 9.85 -13.84 5.30
CA SER A 331 8.53 -13.24 5.25
C SER A 331 8.43 -11.96 6.08
N GLY A 332 9.46 -11.66 6.87
CA GLY A 332 9.50 -10.46 7.69
C GLY A 332 9.87 -10.80 9.11
N GLU A 333 9.42 -9.94 10.03
CA GLU A 333 9.74 -10.10 11.44
C GLU A 333 8.90 -11.23 12.05
N ALA A 334 9.42 -11.77 13.16
CA ALA A 334 8.84 -12.97 13.76
C ALA A 334 7.39 -12.77 14.15
N ASP A 335 7.00 -11.54 14.46
CA ASP A 335 5.66 -11.23 14.94
C ASP A 335 4.79 -10.56 13.88
N CYS A 336 5.22 -10.56 12.62
CA CYS A 336 4.52 -9.79 11.60
C CYS A 336 3.13 -10.36 11.34
N GLY A 337 2.26 -9.49 10.81
CA GLY A 337 0.93 -9.90 10.40
C GLY A 337 -0.04 -10.24 11.51
N LEU A 338 0.37 -10.16 12.77
CA LEU A 338 -0.48 -10.47 13.91
C LEU A 338 -0.72 -9.17 14.70
N ARG A 339 -1.92 -8.62 14.57
CA ARG A 339 -2.18 -7.30 15.12
C ARG A 339 -2.38 -7.38 16.64
N PRO A 340 -1.80 -6.46 17.40
CA PRO A 340 -2.03 -6.45 18.86
C PRO A 340 -3.50 -6.36 19.24
N LEU A 341 -4.26 -5.48 18.60
CA LEU A 341 -5.65 -5.25 18.99
C LEU A 341 -6.64 -6.24 18.38
N PHE A 342 -6.18 -7.21 17.59
CA PHE A 342 -7.09 -8.19 17.03
C PHE A 342 -6.55 -9.61 17.21
N GLU A 343 -5.64 -10.05 16.32
CA GLU A 343 -5.16 -11.43 16.41
C GLU A 343 -4.57 -11.74 17.78
N LYS A 344 -3.74 -10.84 18.32
CA LYS A 344 -3.17 -11.07 19.63
C LYS A 344 -4.22 -11.07 20.75
N LYS A 345 -5.45 -10.65 20.47
CA LYS A 345 -6.54 -10.72 21.43
C LYS A 345 -7.65 -11.68 21.02
N SER A 346 -7.49 -12.41 19.91
CA SER A 346 -8.52 -13.32 19.39
C SER A 346 -9.80 -12.57 19.03
N LEU A 347 -9.66 -11.34 18.55
CA LEU A 347 -10.78 -10.54 18.08
C LEU A 347 -10.65 -10.32 16.58
N GLU A 348 -11.79 -10.39 15.89
CA GLU A 348 -11.84 -10.09 14.47
C GLU A 348 -12.24 -8.63 14.28
N ASP A 349 -11.76 -8.05 13.18
CA ASP A 349 -12.27 -6.77 12.75
C ASP A 349 -13.61 -6.96 12.05
N LYS A 350 -14.23 -5.84 11.67
CA LYS A 350 -15.61 -5.86 11.21
C LYS A 350 -15.79 -6.42 9.81
N THR A 351 -14.75 -6.42 8.96
CA THR A 351 -14.93 -6.91 7.59
C THR A 351 -13.97 -8.03 7.21
N GLU A 352 -13.14 -8.53 8.13
CA GLU A 352 -12.18 -9.54 7.73
C GLU A 352 -12.85 -10.86 7.35
N ARG A 353 -14.06 -11.13 7.84
CA ARG A 353 -14.79 -12.32 7.40
C ARG A 353 -15.01 -12.30 5.89
N GLU A 354 -15.32 -11.12 5.34
CA GLU A 354 -15.53 -10.97 3.89
C GLU A 354 -14.29 -11.42 3.12
N LEU A 355 -13.10 -11.15 3.65
CA LEU A 355 -11.87 -11.55 2.98
C LEU A 355 -11.73 -13.07 2.96
N LEU A 356 -11.88 -13.72 4.12
CA LEU A 356 -11.74 -15.17 4.17
C LEU A 356 -12.80 -15.85 3.31
N GLU A 357 -14.04 -15.37 3.36
CA GLU A 357 -15.13 -16.02 2.64
C GLU A 357 -15.06 -15.81 1.13
N SER A 358 -14.13 -14.99 0.64
CA SER A 358 -13.86 -14.90 -0.79
C SER A 358 -12.90 -15.97 -1.27
N TYR A 359 -12.26 -16.70 -0.35
CA TYR A 359 -11.27 -17.72 -0.70
C TYR A 359 -12.00 -18.99 -1.14
N ILE A 360 -12.56 -18.92 -2.34
CA ILE A 360 -13.30 -20.02 -2.94
C ILE A 360 -13.40 -19.75 -4.43
N ASP A 361 -12.67 -20.52 -5.24
CA ASP A 361 -12.68 -20.33 -6.67
C ASP A 361 -14.02 -20.79 -7.25
N GLY A 362 -15.07 -20.00 -7.05
CA GLY A 362 -16.40 -20.36 -7.50
C GLY A 362 -17.03 -19.37 -8.46
N ILE B 364 -9.52 6.48 -0.89
CA ILE B 364 -10.29 5.24 -0.99
C ILE B 364 -11.73 5.57 -1.30
N VAL B 365 -12.23 5.03 -2.41
CA VAL B 365 -13.61 5.22 -2.85
C VAL B 365 -14.42 4.03 -2.36
N GLU B 366 -15.62 4.31 -1.81
CA GLU B 366 -16.53 3.27 -1.36
C GLU B 366 -15.91 2.42 -0.25
N GLY B 367 -15.06 3.05 0.56
CA GLY B 367 -14.52 2.42 1.74
C GLY B 367 -15.30 2.81 2.98
N SER B 368 -14.75 2.45 4.13
CA SER B 368 -15.31 2.83 5.42
C SER B 368 -14.16 3.25 6.33
N ASP B 369 -14.52 3.85 7.46
CA ASP B 369 -13.54 4.23 8.46
C ASP B 369 -12.83 2.99 9.00
N ALA B 370 -11.51 3.04 9.03
CA ALA B 370 -10.74 1.97 9.63
C ALA B 370 -11.04 1.90 11.12
N GLU B 371 -10.96 0.69 11.66
CA GLU B 371 -11.00 0.54 13.10
C GLU B 371 -9.63 0.83 13.70
N ILE B 372 -9.64 1.18 14.98
CA ILE B 372 -8.40 1.43 15.69
C ILE B 372 -7.51 0.20 15.63
N GLY B 373 -6.28 0.37 15.14
CA GLY B 373 -5.35 -0.73 15.07
C GLY B 373 -5.66 -1.77 14.03
N MET B 374 -6.64 -1.51 13.16
CA MET B 374 -6.98 -2.41 12.07
C MET B 374 -5.83 -2.54 11.07
N SER B 375 -5.00 -1.51 10.94
CA SER B 375 -3.92 -1.48 9.96
C SER B 375 -2.67 -0.90 10.62
N PRO B 376 -2.08 -1.63 11.57
CA PRO B 376 -0.94 -1.07 12.33
C PRO B 376 0.31 -0.89 11.50
N TRP B 377 0.36 -1.44 10.29
CA TRP B 377 1.48 -1.29 9.37
C TRP B 377 1.31 -0.10 8.42
N GLN B 378 0.21 0.63 8.53
CA GLN B 378 -0.02 1.75 7.63
C GLN B 378 0.91 2.90 7.98
N VAL B 379 1.67 3.37 7.01
CA VAL B 379 2.54 4.51 7.20
C VAL B 379 2.07 5.66 6.32
N MET B 380 2.24 6.88 6.80
CA MET B 380 2.03 8.09 6.01
C MET B 380 3.40 8.65 5.65
N LEU B 381 3.77 8.57 4.37
CA LEU B 381 4.93 9.30 3.91
C LEU B 381 4.60 10.78 3.92
N PHE B 382 5.43 11.57 4.60
CA PHE B 382 5.09 12.93 4.98
C PHE B 382 6.19 13.89 4.55
N ARG B 383 5.80 14.98 3.91
CA ARG B 383 6.75 15.99 3.44
C ARG B 383 6.99 17.00 4.54
N LYS B 384 8.27 17.31 4.79
CA LYS B 384 8.63 18.20 5.89
C LYS B 384 8.18 19.62 5.62
N SER B 385 8.56 20.17 4.47
CA SER B 385 8.25 21.55 4.15
C SER B 385 7.91 21.66 2.68
N PRO B 386 6.67 22.03 2.32
CA PRO B 386 5.52 22.30 3.19
C PRO B 386 5.04 21.01 3.85
N GLN B 387 4.52 21.07 5.08
CA GLN B 387 3.99 19.87 5.74
C GLN B 387 2.82 19.31 4.94
N GLU B 388 3.02 18.17 4.29
CA GLU B 388 2.02 17.59 3.40
C GLU B 388 2.00 16.08 3.51
N LEU B 389 0.82 15.51 3.27
CA LEU B 389 0.73 14.08 3.01
C LEU B 389 1.33 13.78 1.65
N LEU B 390 2.32 12.89 1.60
CA LEU B 390 2.90 12.49 0.33
C LEU B 390 2.26 11.20 -0.21
N CYS B 391 2.23 10.15 0.60
CA CYS B 391 1.83 8.84 0.11
C CYS B 391 1.49 7.95 1.30
N GLY B 392 0.82 6.83 0.98
CA GLY B 392 0.82 5.71 1.89
C GLY B 392 2.13 4.96 1.83
N ALA B 393 2.30 4.04 2.79
CA ALA B 393 3.47 3.20 2.90
C ALA B 393 3.14 2.10 3.90
N SER B 394 4.07 1.14 4.06
CA SER B 394 3.84 0.03 4.96
C SER B 394 5.09 -0.33 5.74
N LEU B 395 4.88 -0.72 7.00
CA LEU B 395 5.95 -1.13 7.88
C LEU B 395 6.16 -2.64 7.74
N ILE B 396 7.37 -3.05 7.35
CA ILE B 396 7.70 -4.46 7.19
C ILE B 396 8.71 -4.95 8.21
N SER B 397 9.34 -4.05 8.98
CA SER B 397 10.28 -4.41 10.03
C SER B 397 10.45 -3.21 10.95
N ASP B 398 11.40 -3.31 11.89
CA ASP B 398 11.61 -2.22 12.85
C ASP B 398 12.18 -0.97 12.21
N ARG B 399 12.76 -1.06 11.00
CA ARG B 399 13.28 0.16 10.38
C ARG B 399 13.22 0.12 8.86
N TRP B 400 12.28 -0.65 8.30
CA TRP B 400 12.16 -0.77 6.85
C TRP B 400 10.72 -0.51 6.46
N VAL B 401 10.52 0.49 5.61
CA VAL B 401 9.19 0.90 5.16
C VAL B 401 9.12 0.75 3.65
N LEU B 402 8.06 0.11 3.18
CA LEU B 402 7.80 -0.14 1.77
C LEU B 402 6.85 0.92 1.23
N THR B 403 7.11 1.39 0.02
CA THR B 403 6.25 2.37 -0.64
C THR B 403 6.40 2.22 -2.15
N ALA B 404 5.71 3.10 -2.89
CA ALA B 404 5.82 3.14 -4.34
C ALA B 404 6.98 4.03 -4.77
N ALA B 405 7.67 3.64 -5.84
CA ALA B 405 8.81 4.41 -6.30
C ALA B 405 8.41 5.80 -6.77
N HIS B 406 7.23 5.94 -7.38
CA HIS B 406 6.81 7.23 -7.88
C HIS B 406 6.53 8.23 -6.75
N CYS B 407 6.39 7.75 -5.51
CA CYS B 407 6.25 8.67 -4.38
C CYS B 407 7.53 9.45 -4.13
N LEU B 408 8.67 8.89 -4.50
CA LEU B 408 9.94 9.58 -4.35
C LEU B 408 10.55 10.04 -5.66
N LEU B 409 10.15 9.44 -6.77
CA LEU B 409 10.77 9.73 -8.06
C LEU B 409 9.70 9.58 -9.14
N TYR B 410 9.23 10.70 -9.66
CA TYR B 410 8.32 10.71 -10.80
C TYR B 410 8.69 11.90 -11.68
N PRO B 411 9.58 11.69 -12.64
CA PRO B 411 10.06 12.79 -13.49
C PRO B 411 8.96 13.49 -14.28
N PRO B 412 7.94 12.79 -14.82
CA PRO B 412 6.92 13.52 -15.60
C PRO B 412 6.32 14.71 -14.88
N TRP B 413 6.19 14.62 -13.55
CA TRP B 413 5.70 15.73 -12.72
C TRP B 413 6.82 16.41 -11.96
N ASP B 414 8.07 16.14 -12.35
CA ASP B 414 9.25 16.74 -11.72
C ASP B 414 9.28 16.51 -10.21
N LYS B 415 9.07 15.25 -9.82
CA LYS B 415 9.12 14.82 -8.43
C LYS B 415 10.42 14.05 -8.19
N ASN B 416 11.19 14.49 -7.19
CA ASN B 416 12.44 13.81 -6.86
C ASN B 416 12.83 14.20 -5.43
N PHE B 417 12.30 13.44 -4.47
CA PHE B 417 12.58 13.69 -3.06
C PHE B 417 13.80 12.91 -2.60
N THR B 418 14.54 13.53 -1.68
CA THR B 418 15.67 12.90 -1.00
C THR B 418 15.27 12.55 0.43
N GLU B 419 16.18 11.88 1.15
CA GLU B 419 15.84 11.38 2.48
C GLU B 419 15.56 12.52 3.46
N ASN B 420 16.22 13.66 3.29
CA ASN B 420 16.05 14.77 4.22
C ASN B 420 14.76 15.56 3.98
N ASP B 421 14.07 15.32 2.87
CA ASP B 421 12.82 16.01 2.60
C ASP B 421 11.62 15.38 3.30
N LEU B 422 11.74 14.12 3.74
CA LEU B 422 10.58 13.32 4.10
C LEU B 422 10.68 12.77 5.51
N LEU B 423 9.51 12.50 6.09
CA LEU B 423 9.37 11.78 7.34
C LEU B 423 8.33 10.68 7.15
N VAL B 424 8.32 9.72 8.07
CA VAL B 424 7.31 8.66 8.09
C VAL B 424 6.54 8.76 9.41
N ARG B 425 5.22 8.81 9.32
CA ARG B 425 4.34 8.90 10.48
C ARG B 425 3.63 7.57 10.62
N ILE B 426 3.96 6.82 11.67
CA ILE B 426 3.48 5.46 11.87
C ILE B 426 2.50 5.45 13.04
N GLY B 427 1.46 4.62 12.93
CA GLY B 427 0.46 4.53 13.96
C GLY B 427 -0.69 5.50 13.83
N LYS B 428 -0.84 6.12 12.66
CA LYS B 428 -1.79 7.20 12.54
C LYS B 428 -3.21 6.69 12.31
N HIS B 429 -4.17 7.56 12.58
CA HIS B 429 -5.57 7.29 12.26
C HIS B 429 -6.16 8.50 11.55
N SER B 430 -6.20 9.63 12.25
CA SER B 430 -6.58 10.88 11.63
C SER B 430 -5.64 11.21 10.47
N ARG B 431 -6.20 11.75 9.38
CA ARG B 431 -5.36 12.24 8.30
C ARG B 431 -4.59 13.49 8.72
N THR B 432 -5.24 14.39 9.45
CA THR B 432 -4.74 15.75 9.69
C THR B 432 -4.18 15.97 11.08
N ARG B 433 -4.84 15.45 12.12
CA ARG B 433 -4.44 15.73 13.48
C ARG B 433 -3.09 15.08 13.80
N TYR B 434 -2.24 15.81 14.50
CA TYR B 434 -1.02 15.24 15.05
C TYR B 434 -1.40 14.46 16.30
N GLU B 435 -1.30 13.13 16.22
CA GLU B 435 -1.83 12.26 17.28
C GLU B 435 -0.70 11.91 18.24
N ARG B 436 -0.45 12.82 19.18
CA ARG B 436 0.65 12.68 20.13
C ARG B 436 0.41 11.47 21.04
N ASN B 437 1.52 10.81 21.40
CA ASN B 437 1.56 9.67 22.32
C ASN B 437 1.06 8.36 21.66
N ILE B 438 0.39 8.46 20.52
CA ILE B 438 -0.09 7.28 19.79
C ILE B 438 0.70 7.08 18.49
N GLU B 439 0.77 8.10 17.65
CA GLU B 439 1.59 8.03 16.44
C GLU B 439 3.04 8.35 16.80
N LYS B 440 3.97 7.81 16.02
CA LYS B 440 5.39 8.11 16.15
C LYS B 440 5.94 8.54 14.80
N ILE B 441 6.93 9.42 14.81
CA ILE B 441 7.46 10.02 13.59
C ILE B 441 8.95 9.73 13.50
N SER B 442 9.36 9.09 12.40
CA SER B 442 10.73 8.64 12.17
C SER B 442 11.32 9.36 10.97
N MET B 443 12.66 9.41 10.95
CA MET B 443 13.40 10.04 9.87
C MET B 443 14.04 8.98 8.98
N LEU B 444 14.35 9.36 7.75
CA LEU B 444 14.89 8.43 6.77
C LEU B 444 16.42 8.45 6.78
N GLU B 445 17.01 7.26 6.74
CA GLU B 445 18.46 7.14 6.57
C GLU B 445 18.85 6.96 5.10
N LYS B 446 18.10 6.16 4.35
CA LYS B 446 18.40 5.93 2.95
C LYS B 446 17.13 5.52 2.23
N ILE B 447 17.06 5.90 0.95
CA ILE B 447 15.97 5.51 0.05
C ILE B 447 16.53 4.53 -0.97
N TYR B 448 15.79 3.46 -1.24
CA TYR B 448 16.20 2.46 -2.22
C TYR B 448 15.07 2.32 -3.24
N ILE B 449 15.26 2.91 -4.40
CA ILE B 449 14.32 2.78 -5.52
C ILE B 449 14.76 1.61 -6.38
N HIS B 450 13.80 0.83 -6.85
CA HIS B 450 14.15 -0.33 -7.67
C HIS B 450 14.97 0.11 -8.87
N PRO B 451 16.09 -0.55 -9.16
CA PRO B 451 16.93 -0.12 -10.28
C PRO B 451 16.25 -0.19 -11.62
N ARG B 452 15.22 -1.03 -11.78
CA ARG B 452 14.54 -1.19 -13.05
C ARG B 452 13.14 -0.57 -13.03
N TYR B 453 12.89 0.33 -12.08
CA TYR B 453 11.65 1.10 -12.04
C TYR B 453 11.50 1.92 -13.31
N ASN B 454 10.40 1.73 -14.01
CA ASN B 454 10.17 2.41 -15.29
C ASN B 454 8.90 3.25 -15.18
N TRP B 455 9.07 4.56 -15.03
CA TRP B 455 7.99 5.51 -14.98
C TRP B 455 7.53 5.99 -16.35
N ARG B 456 8.27 5.65 -17.41
CA ARG B 456 8.01 6.26 -18.71
C ARG B 456 6.71 5.77 -19.31
N GLU B 457 6.38 4.50 -19.12
CA GLU B 457 5.24 3.91 -19.82
C GLU B 457 4.18 3.35 -18.87
N ASN B 458 4.54 2.46 -17.95
CA ASN B 458 3.51 1.75 -17.21
C ASN B 458 3.87 1.51 -15.75
N LEU B 459 4.72 2.35 -15.16
CA LEU B 459 5.09 2.25 -13.75
C LEU B 459 5.51 0.83 -13.37
N ASP B 460 6.21 0.17 -14.29
CA ASP B 460 6.74 -1.16 -14.03
C ASP B 460 7.74 -1.13 -12.89
N ARG B 461 7.61 -2.07 -11.94
CA ARG B 461 8.45 -2.13 -10.76
C ARG B 461 8.37 -0.85 -9.93
N ASP B 462 7.12 -0.39 -9.74
CA ASP B 462 6.82 0.80 -8.94
C ASP B 462 6.96 0.44 -7.46
N ILE B 463 8.20 0.44 -6.97
CA ILE B 463 8.47 -0.01 -5.61
C ILE B 463 9.74 0.65 -5.11
N ALA B 464 9.75 0.99 -3.82
CA ALA B 464 10.92 1.58 -3.19
C ALA B 464 10.94 1.21 -1.71
N LEU B 465 12.14 1.22 -1.14
CA LEU B 465 12.36 0.98 0.27
C LEU B 465 12.93 2.21 0.93
N MET B 466 12.58 2.40 2.20
CA MET B 466 13.10 3.50 3.02
C MET B 466 13.57 2.93 4.35
N LYS B 467 14.85 3.11 4.66
CA LYS B 467 15.41 2.69 5.94
C LYS B 467 15.35 3.84 6.93
N LEU B 468 14.82 3.57 8.11
CA LEU B 468 14.69 4.61 9.13
C LEU B 468 16.00 4.79 9.88
N LYS B 469 16.21 6.00 10.40
CA LYS B 469 17.46 6.29 11.10
C LYS B 469 17.55 5.53 12.41
N LYS B 470 16.41 5.32 13.08
CA LYS B 470 16.37 4.64 14.37
C LYS B 470 15.18 3.70 14.37
N PRO B 471 15.33 2.49 14.92
CA PRO B 471 14.24 1.51 14.88
C PRO B 471 13.01 2.05 15.61
N VAL B 472 11.84 1.80 15.02
CA VAL B 472 10.59 2.29 15.60
C VAL B 472 10.13 1.31 16.66
N ALA B 473 9.53 1.84 17.72
CA ALA B 473 9.01 1.05 18.83
C ALA B 473 7.60 0.59 18.49
N PHE B 474 7.39 -0.74 18.52
CA PHE B 474 6.08 -1.29 18.22
C PHE B 474 5.10 -1.03 19.36
N SER B 475 3.83 -1.02 19.02
CA SER B 475 2.78 -0.79 20.01
C SER B 475 1.52 -1.48 19.51
N ASP B 476 0.38 -1.11 20.10
CA ASP B 476 -0.89 -1.61 19.60
C ASP B 476 -1.29 -0.99 18.27
N TYR B 477 -0.68 0.15 17.89
CA TYR B 477 -0.98 0.82 16.63
C TYR B 477 0.16 0.79 15.62
N ILE B 478 1.32 0.27 16.01
CA ILE B 478 2.49 0.20 15.15
C ILE B 478 2.95 -1.25 15.15
N HIS B 479 2.82 -1.92 14.01
CA HIS B 479 3.17 -3.33 13.92
C HIS B 479 3.43 -3.67 12.46
N PRO B 480 4.44 -4.49 12.15
CA PRO B 480 4.76 -4.76 10.76
C PRO B 480 3.83 -5.81 10.14
N VAL B 481 3.80 -5.78 8.81
CA VAL B 481 3.08 -6.76 8.01
C VAL B 481 4.09 -7.76 7.46
N CYS B 482 3.63 -8.97 7.18
CA CYS B 482 4.48 -9.97 6.57
C CYS B 482 4.54 -9.80 5.06
N LEU B 483 5.65 -10.26 4.47
CA LEU B 483 5.79 -10.40 3.03
C LEU B 483 5.53 -11.85 2.63
N PRO B 484 4.88 -12.11 1.51
CA PRO B 484 4.44 -13.48 1.20
C PRO B 484 5.58 -14.37 0.73
N ASP B 485 5.56 -15.62 1.22
CA ASP B 485 6.42 -16.66 0.67
C ASP B 485 5.79 -17.24 -0.58
N ARG B 486 6.56 -18.10 -1.27
CA ARG B 486 6.06 -18.69 -2.51
C ARG B 486 4.77 -19.47 -2.27
N GLU B 487 4.70 -20.18 -1.14
CA GLU B 487 3.50 -20.97 -0.86
C GLU B 487 2.31 -20.07 -0.57
N THR B 488 2.50 -19.05 0.28
CA THR B 488 1.40 -18.17 0.64
C THR B 488 0.92 -17.35 -0.55
N ALA B 489 1.85 -16.82 -1.35
CA ALA B 489 1.48 -16.05 -2.52
C ALA B 489 0.69 -16.89 -3.51
N ALA B 490 1.13 -18.13 -3.74
CA ALA B 490 0.47 -18.96 -4.74
C ALA B 490 -0.98 -19.24 -4.37
N SER B 491 -1.26 -19.49 -3.09
CA SER B 491 -2.62 -19.83 -2.70
C SER B 491 -3.53 -18.61 -2.58
N LEU B 492 -2.99 -17.40 -2.44
CA LEU B 492 -3.82 -16.22 -2.20
C LEU B 492 -4.01 -15.34 -3.43
N LEU B 493 -3.02 -15.27 -4.33
CA LEU B 493 -3.11 -14.38 -5.49
C LEU B 493 -3.90 -15.08 -6.61
N GLN B 494 -5.19 -15.20 -6.37
CA GLN B 494 -6.10 -15.87 -7.30
C GLN B 494 -7.29 -14.97 -7.56
N ALA B 495 -7.71 -14.90 -8.82
CA ALA B 495 -8.82 -14.05 -9.20
C ALA B 495 -10.06 -14.40 -8.39
N GLY B 496 -10.73 -13.37 -7.86
CA GLY B 496 -11.86 -13.53 -7.00
C GLY B 496 -11.53 -13.37 -5.52
N TYR B 497 -10.31 -13.67 -5.13
CA TYR B 497 -9.90 -13.53 -3.74
C TYR B 497 -9.71 -12.06 -3.40
N LYS B 498 -10.23 -11.64 -2.24
CA LYS B 498 -10.29 -10.23 -1.87
C LYS B 498 -9.13 -9.86 -0.96
N GLY B 499 -8.51 -8.71 -1.24
CA GLY B 499 -7.54 -8.09 -0.37
C GLY B 499 -8.07 -6.77 0.16
N ARG B 500 -7.26 -6.14 1.02
CA ARG B 500 -7.69 -4.95 1.75
C ARG B 500 -6.75 -3.79 1.43
N VAL B 501 -7.32 -2.66 1.02
CA VAL B 501 -6.57 -1.45 0.65
C VAL B 501 -6.90 -0.36 1.66
N THR B 502 -5.87 0.39 2.07
CA THR B 502 -6.02 1.42 3.07
C THR B 502 -5.30 2.68 2.64
N GLY B 503 -5.86 3.83 2.99
CA GLY B 503 -5.22 5.09 2.62
C GLY B 503 -6.04 6.28 3.07
N TRP B 504 -5.45 7.45 2.90
CA TRP B 504 -6.09 8.73 3.19
C TRP B 504 -6.44 9.52 1.94
N GLY B 505 -6.38 8.91 0.76
CA GLY B 505 -6.60 9.63 -0.48
C GLY B 505 -8.05 10.01 -0.71
N ASN B 506 -8.31 10.48 -1.93
CA ASN B 506 -9.64 10.92 -2.32
C ASN B 506 -10.70 9.84 -2.09
N LEU B 507 -11.87 10.30 -1.65
CA LEU B 507 -13.06 9.46 -1.45
C LEU B 507 -13.84 9.25 -2.73
N LYS B 508 -13.58 10.06 -3.76
CA LYS B 508 -14.24 9.98 -5.05
C LYS B 508 -13.28 10.52 -6.09
N GLU B 509 -13.47 10.15 -7.35
CA GLU B 509 -12.69 10.81 -8.39
C GLU B 509 -13.27 12.19 -8.68
N THR B 510 -14.56 12.25 -9.01
CA THR B 510 -15.27 13.51 -9.25
C THR B 510 -15.99 13.98 -7.99
N GLY B 518 -14.46 15.28 0.03
CA GLY B 518 -13.28 15.14 -0.81
C GLY B 518 -12.20 14.27 -0.18
N GLN B 519 -11.79 14.63 1.03
CA GLN B 519 -10.75 13.89 1.71
C GLN B 519 -11.25 13.40 3.06
N PRO B 520 -10.92 12.17 3.44
CA PRO B 520 -11.45 11.63 4.70
C PRO B 520 -10.80 12.30 5.89
N SER B 521 -11.48 12.24 7.02
CA SER B 521 -10.85 12.71 8.24
C SER B 521 -10.00 11.62 8.89
N VAL B 522 -10.31 10.35 8.65
CA VAL B 522 -9.54 9.24 9.20
C VAL B 522 -9.26 8.23 8.10
N LEU B 523 -8.34 7.31 8.41
CA LEU B 523 -7.91 6.27 7.49
C LEU B 523 -9.09 5.48 6.94
N GLN B 524 -9.02 5.13 5.66
CA GLN B 524 -10.12 4.45 4.97
C GLN B 524 -9.70 3.05 4.56
N VAL B 525 -10.66 2.13 4.59
CA VAL B 525 -10.41 0.73 4.25
C VAL B 525 -11.50 0.26 3.31
N VAL B 526 -11.11 -0.53 2.30
CA VAL B 526 -12.04 -1.16 1.36
C VAL B 526 -11.50 -2.53 1.00
N ASN B 527 -12.40 -3.49 0.83
CA ASN B 527 -12.03 -4.84 0.42
C ASN B 527 -12.34 -5.00 -1.06
N LEU B 528 -11.37 -5.45 -1.84
CA LEU B 528 -11.49 -5.53 -3.28
C LEU B 528 -11.01 -6.89 -3.78
N PRO B 529 -11.63 -7.43 -4.82
CA PRO B 529 -11.20 -8.73 -5.35
C PRO B 529 -10.11 -8.60 -6.41
N ILE B 530 -9.22 -9.59 -6.41
CA ILE B 530 -8.25 -9.73 -7.49
C ILE B 530 -9.00 -10.04 -8.78
N VAL B 531 -8.54 -9.43 -9.89
CA VAL B 531 -9.20 -9.56 -11.19
C VAL B 531 -8.30 -10.40 -12.09
N GLU B 532 -8.92 -11.20 -12.95
CA GLU B 532 -8.19 -12.05 -13.89
C GLU B 532 -7.30 -11.20 -14.79
N ARG B 533 -6.07 -11.66 -15.00
CA ARG B 533 -5.16 -10.93 -15.87
C ARG B 533 -5.75 -10.63 -17.24
N PRO B 534 -6.42 -11.55 -17.94
CA PRO B 534 -7.05 -11.16 -19.22
C PRO B 534 -8.01 -9.99 -19.07
N VAL B 535 -8.76 -9.93 -17.98
CA VAL B 535 -9.69 -8.82 -17.78
C VAL B 535 -8.94 -7.52 -17.54
N CYS B 536 -7.84 -7.56 -16.77
CA CYS B 536 -7.02 -6.36 -16.57
C CYS B 536 -6.44 -5.89 -17.89
N LYS B 537 -5.88 -6.82 -18.67
CA LYS B 537 -5.27 -6.48 -19.96
C LYS B 537 -6.28 -5.83 -20.89
N ASP B 538 -7.50 -6.36 -20.95
CA ASP B 538 -8.49 -5.81 -21.87
C ASP B 538 -9.10 -4.51 -21.37
N SER B 539 -8.97 -4.20 -20.08
CA SER B 539 -9.59 -3.01 -19.51
C SER B 539 -8.86 -1.72 -19.90
N THR B 540 -7.60 -1.80 -20.32
CA THR B 540 -6.82 -0.61 -20.61
C THR B 540 -5.92 -0.84 -21.82
N ARG B 541 -5.62 0.25 -22.52
CA ARG B 541 -4.66 0.23 -23.62
C ARG B 541 -3.21 0.29 -23.16
N ILE B 542 -2.98 0.47 -21.87
CA ILE B 542 -1.63 0.55 -21.32
C ILE B 542 -1.06 -0.85 -21.17
N ARG B 543 0.22 -1.01 -21.54
CA ARG B 543 0.90 -2.31 -21.45
C ARG B 543 1.03 -2.77 -20.01
N ILE B 544 0.42 -3.89 -19.70
CA ILE B 544 0.51 -4.49 -18.37
C ILE B 544 1.72 -5.42 -18.34
N THR B 545 2.46 -5.43 -17.23
CA THR B 545 3.55 -6.38 -17.06
C THR B 545 3.22 -7.35 -15.95
N ASP B 546 4.12 -8.33 -15.78
CA ASP B 546 3.96 -9.33 -14.73
C ASP B 546 4.33 -8.80 -13.35
N ASN B 547 4.75 -7.55 -13.23
CA ASN B 547 5.09 -6.95 -11.94
C ASN B 547 3.94 -6.17 -11.35
N MET B 548 2.74 -6.30 -11.92
CA MET B 548 1.57 -5.62 -11.43
C MET B 548 0.38 -6.55 -11.60
N PHE B 549 -0.62 -6.37 -10.73
CA PHE B 549 -1.92 -7.00 -10.88
C PHE B 549 -2.97 -5.92 -10.69
N CYS B 550 -4.22 -6.25 -11.01
CA CYS B 550 -5.30 -5.28 -10.87
C CYS B 550 -6.44 -5.89 -10.05
N ALA B 551 -7.20 -5.02 -9.40
CA ALA B 551 -8.24 -5.43 -8.47
C ALA B 551 -9.40 -4.45 -8.52
N GLY B 552 -10.57 -4.95 -8.12
CA GLY B 552 -11.79 -4.16 -8.10
C GLY B 552 -12.96 -4.97 -8.62
N TYR B 553 -14.18 -4.47 -8.41
CA TYR B 553 -15.37 -5.20 -8.83
C TYR B 553 -15.66 -4.93 -10.30
N LYS B 554 -16.17 -5.95 -10.98
CA LYS B 554 -16.73 -5.77 -12.32
C LYS B 554 -18.09 -5.11 -12.21
N PRO B 555 -18.56 -4.45 -13.28
CA PRO B 555 -19.92 -3.93 -13.26
C PRO B 555 -20.98 -4.97 -12.93
N ASP B 556 -20.87 -6.18 -13.49
CA ASP B 556 -21.84 -7.23 -13.17
C ASP B 556 -21.90 -7.54 -11.68
N GLU B 557 -20.86 -7.22 -10.92
CA GLU B 557 -20.83 -7.62 -9.52
C GLU B 557 -21.53 -6.63 -8.60
N GLY B 558 -21.93 -5.46 -9.12
CA GLY B 558 -22.72 -4.49 -8.36
C GLY B 558 -21.97 -3.63 -7.36
N LYS B 559 -21.12 -4.25 -6.55
CA LYS B 559 -20.40 -3.51 -5.52
C LYS B 559 -19.32 -2.64 -6.17
N ARG B 560 -18.84 -1.66 -5.39
CA ARG B 560 -17.90 -0.67 -5.90
C ARG B 560 -16.75 -0.53 -4.92
N GLY B 561 -15.73 0.20 -5.35
CA GLY B 561 -14.58 0.47 -4.50
C GLY B 561 -13.32 0.53 -5.34
N ASP B 562 -12.36 1.30 -4.83
CA ASP B 562 -11.11 1.55 -5.56
C ASP B 562 -10.21 2.40 -4.68
N ALA B 563 -8.93 2.43 -5.04
CA ALA B 563 -8.02 3.42 -4.50
C ALA B 563 -8.07 4.66 -5.37
N CYS B 564 -7.53 5.76 -4.86
CA CYS B 564 -7.59 7.01 -5.60
C CYS B 564 -6.35 7.83 -5.25
N GLU B 565 -6.21 8.99 -5.90
CA GLU B 565 -5.01 9.78 -5.73
C GLU B 565 -4.84 10.14 -4.25
N GLY B 566 -3.64 9.95 -3.74
CA GLY B 566 -3.37 10.05 -2.33
C GLY B 566 -3.21 8.71 -1.64
N ASP B 567 -3.73 7.64 -2.23
CA ASP B 567 -3.57 6.30 -1.66
C ASP B 567 -2.31 5.59 -2.13
N SER B 568 -1.70 6.02 -3.25
CA SER B 568 -0.58 5.29 -3.82
C SER B 568 0.54 5.12 -2.81
N GLY B 569 1.28 4.02 -2.96
CA GLY B 569 2.28 3.64 -1.98
C GLY B 569 1.74 2.89 -0.78
N GLY B 570 0.42 2.88 -0.58
CA GLY B 570 -0.17 2.12 0.51
C GLY B 570 -0.25 0.65 0.17
N PRO B 571 -0.61 -0.16 1.19
CA PRO B 571 -0.55 -1.62 1.01
C PRO B 571 -1.85 -2.30 0.61
N PHE B 572 -1.74 -3.29 -0.28
CA PHE B 572 -2.80 -4.27 -0.55
C PHE B 572 -2.45 -5.54 0.22
N VAL B 573 -3.26 -5.88 1.22
CA VAL B 573 -2.91 -6.94 2.15
C VAL B 573 -3.97 -8.04 2.10
N MET B 574 -3.55 -9.27 2.45
CA MET B 574 -4.44 -10.41 2.50
C MET B 574 -4.17 -11.22 3.76
N LYS B 575 -5.25 -11.66 4.40
CA LYS B 575 -5.14 -12.49 5.59
C LYS B 575 -5.02 -13.95 5.19
N SER B 576 -4.03 -14.62 5.75
CA SER B 576 -3.74 -16.00 5.39
C SER B 576 -4.62 -16.96 6.19
N PRO B 577 -5.31 -17.88 5.55
CA PRO B 577 -6.10 -18.88 6.29
C PRO B 577 -5.28 -20.02 6.83
N PHE B 578 -3.96 -19.98 6.67
CA PHE B 578 -3.06 -20.99 7.19
C PHE B 578 -2.57 -20.64 8.59
N ASN B 579 -2.06 -19.42 8.77
CA ASN B 579 -1.39 -19.02 10.00
C ASN B 579 -1.97 -17.75 10.61
N ASN B 580 -3.04 -17.20 10.04
CA ASN B 580 -3.75 -16.05 10.57
C ASN B 580 -2.96 -14.75 10.45
N ARG B 581 -1.92 -14.74 9.63
CA ARG B 581 -1.09 -13.55 9.45
C ARG B 581 -1.60 -12.72 8.27
N TRP B 582 -1.27 -11.44 8.32
CA TRP B 582 -1.54 -10.54 7.21
C TRP B 582 -0.27 -10.40 6.37
N TYR B 583 -0.42 -10.60 5.07
CA TYR B 583 0.68 -10.46 4.12
C TYR B 583 0.35 -9.32 3.19
N GLN B 584 1.35 -8.49 2.89
CA GLN B 584 1.17 -7.45 1.89
C GLN B 584 1.46 -8.04 0.52
N MET B 585 0.43 -8.14 -0.32
CA MET B 585 0.59 -8.65 -1.66
C MET B 585 0.79 -7.55 -2.70
N GLY B 586 0.33 -6.33 -2.44
CA GLY B 586 0.41 -5.29 -3.45
C GLY B 586 0.71 -3.93 -2.85
N ILE B 587 1.11 -3.02 -3.76
CA ILE B 587 1.28 -1.60 -3.46
C ILE B 587 0.41 -0.82 -4.43
N VAL B 588 -0.47 0.03 -3.90
CA VAL B 588 -1.25 0.97 -4.71
C VAL B 588 -0.31 1.72 -5.65
N SER B 589 -0.46 1.48 -6.95
CA SER B 589 0.41 2.08 -7.96
C SER B 589 -0.36 3.06 -8.85
N TRP B 590 -1.20 2.57 -9.76
CA TRP B 590 -1.82 3.50 -10.70
C TRP B 590 -3.21 3.00 -11.12
N GLY B 591 -3.89 3.88 -11.84
CA GLY B 591 -5.20 3.57 -12.41
C GLY B 591 -5.59 4.64 -13.38
N GLU B 592 -6.72 4.40 -14.04
CA GLU B 592 -7.34 5.38 -14.94
C GLU B 592 -8.60 5.86 -14.24
N GLY B 593 -8.51 7.00 -13.58
CA GLY B 593 -9.62 7.45 -12.77
C GLY B 593 -9.78 6.54 -11.56
N CYS B 594 -10.88 6.75 -10.84
CA CYS B 594 -11.15 5.99 -9.63
C CYS B 594 -12.58 5.48 -9.68
N ASP B 595 -12.76 4.17 -9.47
CA ASP B 595 -14.07 3.55 -9.34
C ASP B 595 -14.89 3.73 -10.61
N ARG B 596 -14.26 3.45 -11.76
CA ARG B 596 -14.90 3.49 -13.07
C ARG B 596 -15.35 2.10 -13.49
N ASP B 597 -16.58 2.00 -13.98
CA ASP B 597 -17.05 0.74 -14.54
C ASP B 597 -16.11 0.24 -15.63
N GLY B 598 -15.64 -1.01 -15.49
CA GLY B 598 -14.77 -1.59 -16.50
C GLY B 598 -13.33 -1.17 -16.42
N LYS B 599 -12.95 -0.37 -15.43
CA LYS B 599 -11.57 -0.01 -15.16
C LYS B 599 -11.18 -0.55 -13.79
N TYR B 600 -9.89 -0.83 -13.60
CA TYR B 600 -9.43 -1.42 -12.35
C TYR B 600 -8.14 -0.75 -11.89
N GLY B 601 -7.98 -0.68 -10.57
CA GLY B 601 -6.75 -0.14 -10.02
C GLY B 601 -5.63 -1.17 -10.11
N PHE B 602 -4.43 -0.69 -10.38
CA PHE B 602 -3.27 -1.55 -10.56
C PHE B 602 -2.33 -1.44 -9.36
N TYR B 603 -1.78 -2.58 -8.95
CA TYR B 603 -0.98 -2.71 -7.75
C TYR B 603 0.35 -3.36 -8.08
N THR B 604 1.43 -2.80 -7.55
CA THR B 604 2.74 -3.42 -7.69
C THR B 604 2.72 -4.84 -7.12
N HIS B 605 3.26 -5.78 -7.87
CA HIS B 605 3.26 -7.20 -7.47
C HIS B 605 4.43 -7.43 -6.51
N VAL B 606 4.15 -7.35 -5.21
CA VAL B 606 5.22 -7.34 -4.21
C VAL B 606 6.03 -8.64 -4.26
N PHE B 607 5.34 -9.77 -4.44
CA PHE B 607 6.02 -11.07 -4.37
C PHE B 607 7.04 -11.24 -5.47
N ARG B 608 6.75 -10.76 -6.70
CA ARG B 608 7.73 -10.87 -7.78
C ARG B 608 9.01 -10.12 -7.46
N LEU B 609 8.91 -9.08 -6.66
CA LEU B 609 10.02 -8.19 -6.35
C LEU B 609 10.66 -8.52 -5.00
N LYS B 610 10.13 -9.53 -4.31
CA LYS B 610 10.58 -9.85 -2.96
C LYS B 610 12.07 -10.21 -2.91
N LYS B 611 12.61 -10.76 -4.00
CA LYS B 611 14.04 -11.06 -4.02
C LYS B 611 14.87 -9.78 -3.93
N TRP B 612 14.46 -8.74 -4.66
CA TRP B 612 15.14 -7.45 -4.57
C TRP B 612 14.99 -6.84 -3.18
N ILE B 613 13.77 -6.84 -2.64
CA ILE B 613 13.52 -6.35 -1.29
C ILE B 613 14.49 -6.96 -0.29
N GLN B 614 14.79 -8.25 -0.44
CA GLN B 614 15.67 -8.90 0.51
C GLN B 614 17.13 -8.55 0.26
N LYS B 615 17.53 -8.40 -1.01
CA LYS B 615 18.89 -8.00 -1.30
C LYS B 615 19.23 -6.66 -0.64
N VAL B 616 18.25 -5.77 -0.50
CA VAL B 616 18.48 -4.48 0.12
C VAL B 616 18.56 -4.60 1.63
N ILE B 617 17.70 -5.42 2.22
CA ILE B 617 17.69 -5.54 3.68
C ILE B 617 18.84 -6.41 4.19
N ASP B 618 19.41 -7.27 3.34
CA ASP B 618 20.57 -8.05 3.75
C ASP B 618 21.87 -7.32 3.49
N GLN B 619 21.96 -6.58 2.39
CA GLN B 619 23.16 -5.79 2.13
C GLN B 619 23.29 -4.64 3.12
N PHE B 620 22.26 -3.81 3.23
CA PHE B 620 22.32 -2.55 3.96
C PHE B 620 21.51 -2.58 5.26
N GLY B 621 21.30 -3.78 5.81
CA GLY B 621 20.54 -3.92 7.04
C GLY B 621 21.34 -3.69 8.31
N GLY C 1 -10.96 -17.82 -10.37
CA GLY C 1 -10.05 -18.70 -9.66
C GLY C 1 -8.66 -18.78 -10.30
N GLU C 2 -8.48 -18.06 -11.39
CA GLU C 2 -7.19 -18.06 -12.07
C GLU C 2 -6.17 -17.24 -11.28
N PRO C 3 -4.87 -17.52 -11.45
CA PRO C 3 -3.86 -16.72 -10.76
C PRO C 3 -3.75 -15.32 -11.33
N GLY C 4 -4.25 -14.33 -10.59
CA GLY C 4 -4.11 -12.95 -11.03
C GLY C 4 -2.69 -12.41 -11.03
N ALA C 5 -1.71 -13.22 -10.65
CA ALA C 5 -0.32 -12.78 -10.59
C ALA C 5 0.61 -13.98 -10.69
N PRO C 6 1.63 -13.93 -11.56
CA PRO C 6 2.53 -15.08 -11.70
C PRO C 6 3.39 -15.28 -10.46
N ILE C 7 3.64 -16.56 -10.14
CA ILE C 7 4.40 -16.93 -8.95
C ILE C 7 5.84 -17.25 -9.35
N ASP C 8 6.59 -16.21 -9.75
CA ASP C 8 8.01 -16.34 -9.99
C ASP C 8 8.68 -15.06 -9.52
N ASP C 10 11.28 -11.73 -10.21
CA ASP C 10 11.81 -10.91 -11.29
C ASP C 10 13.33 -10.91 -11.25
N GLU C 11 13.94 -12.02 -11.64
CA GLU C 11 15.39 -12.07 -11.76
C GLU C 11 15.80 -11.18 -12.93
N ALA C 22 2.05 4.53 -26.27
CA ALA C 22 1.90 5.98 -26.38
C ALA C 22 1.16 6.55 -25.18
N GLU C 23 0.46 5.68 -24.45
CA GLU C 23 -0.31 6.07 -23.28
C GLU C 23 0.45 5.72 -22.01
N VAL C 24 0.52 6.67 -21.08
CA VAL C 24 1.33 6.55 -19.89
C VAL C 24 0.43 6.30 -18.69
N ALA C 25 0.81 5.32 -17.86
CA ALA C 25 0.10 5.09 -16.61
C ALA C 25 0.21 6.31 -15.71
N GLN C 26 -0.90 6.63 -15.05
CA GLN C 26 -0.98 7.76 -14.15
C GLN C 26 -1.00 7.27 -12.71
N PRO C 27 0.01 7.57 -11.90
CA PRO C 27 0.03 7.07 -10.53
C PRO C 27 -1.06 7.73 -9.69
N LYS C 28 -1.51 7.02 -8.65
CA LYS C 28 -2.55 7.52 -7.76
C LYS C 28 -1.96 8.49 -6.75
N LEU C 29 -1.30 9.51 -7.30
CA LEU C 29 -0.49 10.48 -6.57
C LEU C 29 -1.09 11.86 -6.79
N TYR C 30 -1.25 12.61 -5.69
CA TYR C 30 -1.78 13.97 -5.80
C TYR C 30 -0.87 14.83 -6.65
N GLN C 31 -1.48 15.82 -7.33
CA GLN C 31 -0.77 16.67 -8.27
C GLN C 31 -1.06 18.15 -8.06
N ARG C 32 -2.05 18.50 -7.25
CA ARG C 32 -2.52 19.87 -7.09
C ARG C 32 -2.44 20.32 -5.63
N GLY C 33 -1.46 19.80 -4.90
CA GLY C 33 -1.20 20.23 -3.54
C GLY C 33 -2.24 19.82 -2.52
N GLU C 34 -3.06 18.80 -2.81
CA GLU C 34 -4.12 18.42 -1.87
C GLU C 34 -3.55 17.83 -0.59
N GLY C 35 -2.35 17.25 -0.65
CA GLY C 35 -1.76 16.61 0.52
C GLY C 35 -1.49 17.56 1.68
N GLY C 36 -1.63 18.86 1.49
CA GLY C 36 -1.46 19.84 2.54
C GLY C 36 -2.75 20.34 3.15
N ASN C 37 -3.90 19.88 2.68
CA ASN C 37 -5.20 20.40 3.14
C ASN C 37 -5.48 19.99 4.58
N GLY C 38 -5.68 20.97 5.45
CA GLY C 38 -6.09 20.72 6.82
C GLY C 38 -5.04 20.11 7.71
N MET C 39 -3.82 19.93 7.23
CA MET C 39 -2.79 19.25 8.00
C MET C 39 -2.40 20.08 9.23
N GLU C 40 -2.60 19.50 10.40
CA GLU C 40 -2.19 20.16 11.64
C GLU C 40 -0.68 20.11 11.77
N PRO C 41 -0.02 21.22 12.08
CA PRO C 41 1.46 21.23 12.14
C PRO C 41 1.99 20.32 13.24
N ILE C 42 2.99 19.53 12.90
CA ILE C 42 3.63 18.61 13.82
C ILE C 42 4.68 19.38 14.62
N PRO C 43 5.20 18.83 15.72
CA PRO C 43 6.22 19.57 16.49
C PRO C 43 7.46 19.88 15.66
N GLU C 44 8.02 21.07 15.87
CA GLU C 44 9.13 21.56 15.06
C GLU C 44 10.39 20.71 15.21
N ASP C 45 10.50 19.94 16.29
CA ASP C 45 11.67 19.10 16.53
C ASP C 45 11.82 18.02 15.45
N LEU C 47 10.84 18.49 12.32
CA LEU C 47 11.08 19.17 11.06
C LEU C 47 12.55 19.55 10.86
N GLN C 48 13.45 18.66 11.26
CA GLN C 48 14.87 18.84 11.01
C GLN C 48 15.62 17.54 11.23
#